data_7YL1
#
_entry.id   7YL1
#
_cell.length_a   50.149
_cell.length_b   71.985
_cell.length_c   107.160
_cell.angle_alpha   90.00
_cell.angle_beta   90.00
_cell.angle_gamma   90.00
#
_symmetry.space_group_name_H-M   'P 21 21 21'
#
loop_
_entity.id
_entity.type
_entity.pdbx_description
1 polymer 'Mitogen-activated protein kinase 10'
2 non-polymer 7-hexyl-3-methyl-8-sulfanylidene-9H-purine-2,6-dione
3 water water
#
_entity_poly.entity_id   1
_entity_poly.type   'polypeptide(L)'
_entity_poly.pdbx_seq_one_letter_code
;MSLHFLYYCSEPTLDVKIAFCQGFDKQVDVSYIAKHYNMSKSKVDNQFYSVEVGDSTFTVLKRYQNLKPIGSGAQGIVCA
AYDAVLDRNVAIKKLSRPFQNQTHAKRAYRELVLMKCVNHKNIISLLNVFTPQKTLEEFQDVYLVMELMDANLCQVIQME
LDHERMSYLLYQMLCGIKHLHSAGIIHRDLKPSNIVVKSDCTLKILDFGLARTAGTSFMMTPYVVTRYYRAPEVILGMGY
KENVDIWSVGCIMGEMVRHKILFPGRDYIDQWNKVIEQLGTPCPEFMKKLQPTVRNYVENRPKYAGLTFPKLFPDSLFPA
DSEHNKLKASQARDLLSKMLVIDPAKRISVDDALQHPYINVWYDPAEVEAPPPQIYDKQLDEREHTIEEWKELIYKEVMN
SEEKTKNGVVKGQPSPSGAAVNSSESLPPSSSVNDISSMSTDQTLASDTDSSLEASAGPLGCCR
;
_entity_poly.pdbx_strand_id   A
#
# COMPACT_ATOMS: atom_id res chain seq x y z
N ASP A 45 33.50 -4.84 22.91
CA ASP A 45 33.02 -5.56 21.69
C ASP A 45 31.54 -5.95 21.86
N ASN A 46 30.65 -4.96 21.87
CA ASN A 46 29.25 -5.30 21.70
C ASN A 46 29.00 -5.30 20.22
N GLN A 47 28.06 -6.15 19.79
CA GLN A 47 27.72 -6.31 18.40
C GLN A 47 26.98 -5.09 17.80
N PHE A 48 26.65 -4.09 18.62
CA PHE A 48 25.79 -2.96 18.21
C PHE A 48 26.51 -1.66 18.47
N TYR A 49 26.10 -0.60 17.79
CA TYR A 49 26.51 0.74 18.20
C TYR A 49 25.32 1.70 18.06
N SER A 50 25.49 2.92 18.52
CA SER A 50 24.41 3.94 18.56
C SER A 50 24.75 5.24 17.85
N VAL A 51 23.81 5.74 17.04
CA VAL A 51 23.95 7.06 16.37
C VAL A 51 22.64 7.79 16.32
N GLU A 52 22.71 9.12 16.36
CA GLU A 52 21.55 10.00 16.27
C GLU A 52 21.06 10.23 14.85
N VAL A 53 19.74 10.22 14.70
CA VAL A 53 19.05 10.73 13.50
C VAL A 53 17.85 11.54 14.03
N GLY A 54 17.91 12.86 13.88
CA GLY A 54 16.92 13.75 14.50
C GLY A 54 16.92 13.53 16.00
N ASP A 55 15.75 13.28 16.55
CA ASP A 55 15.60 13.00 17.99
C ASP A 55 15.58 11.50 18.26
N SER A 56 15.93 10.70 17.25
CA SER A 56 16.02 9.25 17.37
C SER A 56 17.42 8.77 17.68
N THR A 57 17.51 7.75 18.52
CA THR A 57 18.74 6.97 18.57
C THR A 57 18.51 5.64 17.92
N PHE A 58 19.19 5.44 16.81
CA PHE A 58 19.35 4.16 16.16
C PHE A 58 20.50 3.40 16.80
N THR A 59 20.18 2.23 17.34
CA THR A 59 21.18 1.31 17.87
C THR A 59 21.14 0.10 17.00
N VAL A 60 22.15 -0.06 16.13
CA VAL A 60 22.13 -1.14 15.15
C VAL A 60 23.40 -2.01 15.14
N LEU A 61 23.28 -3.22 14.60
CA LEU A 61 24.40 -4.12 14.36
C LEU A 61 25.55 -3.38 13.68
N LYS A 62 26.79 -3.76 13.99
CA LYS A 62 27.95 -3.07 13.44
C LYS A 62 28.10 -3.14 11.92
N ARG A 63 27.57 -4.19 11.28
CA ARG A 63 27.57 -4.30 9.81
C ARG A 63 26.97 -3.09 9.07
N TYR A 64 25.98 -2.42 9.66
CA TYR A 64 25.21 -1.39 8.96
C TYR A 64 25.83 -0.03 9.20
N GLN A 65 26.20 0.63 8.10
CA GLN A 65 27.09 1.77 8.17
C GLN A 65 26.53 2.95 7.40
N ASN A 66 26.91 4.15 7.83
CA ASN A 66 26.52 5.39 7.17
C ASN A 66 25.02 5.59 7.08
N LEU A 67 24.39 5.45 8.24
CA LEU A 67 22.98 5.69 8.38
C LEU A 67 22.63 7.12 7.93
N LYS A 68 21.67 7.21 7.01
CA LYS A 68 21.08 8.47 6.56
C LYS A 68 19.54 8.36 6.61
N PRO A 69 18.88 9.30 7.31
CA PRO A 69 17.41 9.31 7.37
C PRO A 69 16.80 9.50 5.99
N ILE A 70 15.81 8.69 5.66
CA ILE A 70 15.12 8.81 4.38
C ILE A 70 13.62 8.89 4.55
N GLY A 71 13.16 8.89 5.79
CA GLY A 71 11.73 8.81 6.05
C GLY A 71 11.34 8.73 7.51
N SER A 72 10.16 9.28 7.79
CA SER A 72 9.54 9.26 9.11
C SER A 72 8.12 8.73 8.86
N GLY A 73 7.99 7.40 8.87
CA GLY A 73 6.75 6.73 8.46
C GLY A 73 5.63 6.80 9.49
N ALA A 74 4.99 5.66 9.72
CA ALA A 74 3.84 5.56 10.65
C ALA A 74 4.26 4.96 12.00
N GLN A 75 4.70 3.71 11.99
CA GLN A 75 5.14 3.01 13.20
C GLN A 75 6.61 3.31 13.52
N GLY A 76 7.38 3.68 12.49
CA GLY A 76 8.81 3.95 12.65
C GLY A 76 9.50 4.98 11.76
N ILE A 77 10.74 5.24 12.14
CA ILE A 77 11.69 6.04 11.39
C ILE A 77 12.51 5.09 10.51
N VAL A 78 12.80 5.55 9.29
CA VAL A 78 13.50 4.74 8.30
C VAL A 78 14.87 5.36 7.94
N CYS A 79 15.89 4.52 7.77
CA CYS A 79 17.24 4.98 7.44
C CYS A 79 17.80 4.18 6.30
N ALA A 80 18.59 4.83 5.46
CA ALA A 80 19.38 4.10 4.49
C ALA A 80 20.74 3.81 5.13
N ALA A 81 21.32 2.68 4.76
CA ALA A 81 22.58 2.27 5.34
C ALA A 81 23.28 1.35 4.37
N TYR A 82 24.61 1.28 4.51
CA TYR A 82 25.41 0.30 3.80
C TYR A 82 25.60 -0.89 4.72
N ASP A 83 25.34 -2.07 4.18
CA ASP A 83 25.54 -3.29 4.90
C ASP A 83 26.84 -3.86 4.37
N ALA A 84 27.82 -3.94 5.26
CA ALA A 84 29.17 -4.34 4.93
C ALA A 84 29.32 -5.84 4.76
N VAL A 85 28.38 -6.63 5.24
CA VAL A 85 28.43 -8.08 5.08
C VAL A 85 27.91 -8.45 3.72
N LEU A 86 26.75 -7.90 3.39
CA LEU A 86 26.10 -8.23 2.11
C LEU A 86 26.74 -7.42 0.96
N ASP A 87 27.29 -6.26 1.28
CA ASP A 87 27.90 -5.38 0.30
C ASP A 87 26.85 -4.81 -0.63
N ARG A 88 25.94 -4.07 0.00
CA ARG A 88 24.88 -3.37 -0.69
C ARG A 88 24.23 -2.45 0.31
N ASN A 89 23.49 -1.47 -0.19
CA ASN A 89 22.71 -0.59 0.65
C ASN A 89 21.39 -1.23 1.00
N VAL A 90 20.81 -0.71 2.10
CA VAL A 90 19.66 -1.34 2.68
C VAL A 90 18.89 -0.25 3.40
N ALA A 91 17.61 -0.53 3.64
CA ALA A 91 16.75 0.32 4.45
C ALA A 91 16.54 -0.35 5.80
N ILE A 92 16.47 0.47 6.83
CA ILE A 92 16.37 0.02 8.21
C ILE A 92 15.30 0.82 8.86
N LYS A 93 14.29 0.12 9.35
CA LYS A 93 13.19 0.78 10.00
C LYS A 93 13.15 0.48 11.51
N LYS A 94 13.20 1.53 12.31
CA LYS A 94 13.05 1.37 13.77
C LYS A 94 11.57 1.39 14.17
N LEU A 95 11.10 0.28 14.73
CA LEU A 95 9.84 0.26 15.43
C LEU A 95 10.10 0.55 16.93
N SER A 96 9.55 1.65 17.43
CA SER A 96 9.68 1.99 18.84
C SER A 96 8.56 1.41 19.67
N ARG A 97 8.93 0.60 20.66
CA ARG A 97 7.97 0.07 21.60
C ARG A 97 6.70 -0.22 20.83
N PRO A 98 6.78 -1.16 19.85
CA PRO A 98 5.61 -1.40 18.98
C PRO A 98 4.44 -1.99 19.76
N PHE A 99 4.72 -2.45 20.97
CA PHE A 99 3.68 -3.00 21.82
C PHE A 99 2.95 -1.86 22.57
N GLN A 100 3.35 -0.61 22.35
CA GLN A 100 2.67 0.47 23.06
C GLN A 100 1.14 0.43 23.02
N ASN A 101 0.55 0.11 21.86
CA ASN A 101 -0.91 -0.06 21.81
C ASN A 101 -1.26 -1.15 20.83
N GLN A 102 -2.54 -1.39 20.64
CA GLN A 102 -2.98 -2.59 19.94
C GLN A 102 -2.90 -2.47 18.42
N THR A 103 -3.00 -1.24 17.96
CA THR A 103 -2.92 -0.94 16.55
C THR A 103 -1.47 -1.04 16.12
N HIS A 104 -0.57 -0.37 16.85
CA HIS A 104 0.87 -0.54 16.59
C HIS A 104 1.30 -1.97 16.66
N ALA A 105 0.68 -2.72 17.56
CA ALA A 105 1.19 -4.03 17.92
C ALA A 105 0.72 -5.04 16.91
N LYS A 106 -0.53 -4.92 16.48
CA LYS A 106 -1.07 -5.75 15.39
C LYS A 106 -0.34 -5.52 14.04
N ARG A 107 -0.17 -4.27 13.65
CA ARG A 107 0.62 -3.92 12.46
C ARG A 107 2.04 -4.51 12.50
N ALA A 108 2.76 -4.28 13.61
CA ALA A 108 4.11 -4.78 13.70
C ALA A 108 4.21 -6.30 13.54
N TYR A 109 3.25 -7.00 14.17
CA TYR A 109 3.26 -8.42 14.25
C TYR A 109 2.88 -9.01 12.91
N ARG A 110 1.79 -8.49 12.35
CA ARG A 110 1.35 -8.80 11.00
C ARG A 110 2.50 -8.56 9.99
N GLU A 111 3.10 -7.35 10.03
CA GLU A 111 4.27 -7.05 9.20
C GLU A 111 5.31 -8.15 9.32
N LEU A 112 5.73 -8.46 10.55
CA LEU A 112 6.78 -9.47 10.79
C LEU A 112 6.47 -10.83 10.19
N VAL A 113 5.29 -11.36 10.47
CA VAL A 113 4.95 -12.68 10.00
C VAL A 113 4.83 -12.71 8.44
N LEU A 114 4.15 -11.73 7.88
CA LEU A 114 3.93 -11.73 6.47
C LEU A 114 5.24 -11.54 5.72
N MET A 115 6.12 -10.72 6.25
CA MET A 115 7.35 -10.42 5.53
C MET A 115 8.33 -11.58 5.57
N LYS A 116 8.27 -12.33 6.65
CA LYS A 116 9.08 -13.52 6.73
C LYS A 116 8.65 -14.57 5.71
N CYS A 117 7.37 -14.62 5.36
CA CYS A 117 6.97 -15.78 4.59
C CYS A 117 6.45 -15.49 3.16
N VAL A 118 6.53 -14.23 2.73
CA VAL A 118 6.16 -13.85 1.39
C VAL A 118 7.46 -13.66 0.64
N ASN A 119 7.57 -14.33 -0.49
CA ASN A 119 8.73 -14.11 -1.30
C ASN A 119 8.32 -13.83 -2.74
N HIS A 120 8.39 -12.56 -3.14
CA HIS A 120 7.89 -12.12 -4.43
C HIS A 120 8.57 -10.86 -4.81
N LYS A 121 8.97 -10.76 -6.09
CA LYS A 121 9.74 -9.58 -6.58
C LYS A 121 9.02 -8.26 -6.36
N ASN A 122 7.70 -8.30 -6.22
CA ASN A 122 6.93 -7.07 -6.05
C ASN A 122 6.44 -6.71 -4.62
N ILE A 123 6.87 -7.46 -3.62
CA ILE A 123 6.59 -7.12 -2.22
C ILE A 123 7.95 -7.02 -1.56
N ILE A 124 8.21 -5.91 -0.88
CA ILE A 124 9.51 -5.66 -0.25
C ILE A 124 9.89 -6.88 0.60
N SER A 125 11.13 -7.32 0.49
CA SER A 125 11.52 -8.52 1.25
C SER A 125 12.39 -8.09 2.41
N LEU A 126 12.31 -8.88 3.48
CA LEU A 126 13.06 -8.69 4.73
C LEU A 126 14.42 -9.37 4.62
N LEU A 127 15.49 -8.59 4.72
CA LEU A 127 16.86 -9.12 4.78
C LEU A 127 17.23 -9.56 6.19
N ASN A 128 16.82 -8.81 7.22
CA ASN A 128 17.23 -9.04 8.63
C ASN A 128 16.29 -8.40 9.68
N VAL A 129 16.13 -9.08 10.82
CA VAL A 129 15.40 -8.51 11.95
C VAL A 129 16.26 -8.55 13.20
N PHE A 130 16.15 -7.56 14.09
CA PHE A 130 16.85 -7.62 15.35
C PHE A 130 16.35 -6.61 16.38
N THR A 131 16.64 -6.91 17.65
CA THR A 131 16.58 -5.92 18.74
C THR A 131 17.94 -5.89 19.47
N PRO A 132 18.42 -4.69 19.83
CA PRO A 132 19.59 -4.56 20.69
C PRO A 132 19.39 -5.08 22.12
N GLN A 133 18.16 -5.06 22.61
CA GLN A 133 17.86 -5.48 23.97
C GLN A 133 17.94 -7.00 24.02
N LYS A 134 18.25 -7.51 25.22
CA LYS A 134 18.81 -8.86 25.40
C LYS A 134 17.84 -9.87 25.98
N THR A 135 16.77 -9.38 26.61
CA THR A 135 15.72 -10.26 27.19
C THR A 135 14.34 -9.66 27.01
N LEU A 136 13.32 -10.46 27.31
CA LEU A 136 11.92 -9.99 27.23
C LEU A 136 11.65 -8.73 28.04
N GLU A 137 12.28 -8.59 29.20
CA GLU A 137 12.02 -7.44 30.11
C GLU A 137 12.70 -6.17 29.65
N GLU A 138 13.89 -6.28 29.09
CA GLU A 138 14.52 -5.08 28.57
C GLU A 138 14.02 -4.74 27.18
N PHE A 139 13.34 -5.71 26.53
CA PHE A 139 12.89 -5.58 25.14
C PHE A 139 12.13 -4.28 24.88
N GLN A 140 12.57 -3.56 23.86
CA GLN A 140 11.95 -2.28 23.56
C GLN A 140 11.67 -2.06 22.07
N ASP A 141 12.70 -2.26 21.26
CA ASP A 141 12.64 -1.87 19.87
C ASP A 141 12.89 -3.02 18.89
N VAL A 142 12.22 -2.95 17.74
CA VAL A 142 12.47 -3.88 16.67
C VAL A 142 13.04 -3.09 15.50
N TYR A 143 14.05 -3.66 14.84
CA TYR A 143 14.59 -3.07 13.60
C TYR A 143 14.33 -4.00 12.43
N LEU A 144 13.69 -3.52 11.37
CA LEU A 144 13.58 -4.33 10.15
C LEU A 144 14.62 -3.83 9.15
N VAL A 145 15.34 -4.77 8.56
CA VAL A 145 16.27 -4.44 7.50
C VAL A 145 15.67 -4.91 6.16
N MET A 146 15.57 -3.98 5.22
CA MET A 146 15.02 -4.31 3.90
C MET A 146 15.87 -3.78 2.79
N GLU A 147 15.71 -4.37 1.61
CA GLU A 147 16.35 -3.88 0.40
C GLU A 147 15.97 -2.43 0.21
N LEU A 148 16.90 -1.66 -0.33
CA LEU A 148 16.72 -0.26 -0.58
C LEU A 148 16.36 -0.01 -2.04
N MET A 149 15.28 0.71 -2.27
CA MET A 149 14.89 1.12 -3.61
C MET A 149 15.33 2.56 -3.76
N ASP A 150 14.96 3.22 -4.85
CA ASP A 150 15.47 4.58 -5.11
C ASP A 150 14.49 5.70 -4.77
N ALA A 151 13.19 5.41 -4.64
CA ALA A 151 12.17 6.45 -4.44
C ALA A 151 10.85 5.82 -4.09
N ASN A 152 9.90 6.62 -3.57
CA ASN A 152 8.54 6.08 -3.49
C ASN A 152 7.63 6.58 -4.63
N LEU A 153 6.42 6.01 -4.74
CA LEU A 153 5.51 6.40 -5.81
C LEU A 153 5.10 7.87 -5.81
N CYS A 154 5.14 8.52 -4.65
CA CYS A 154 4.84 9.93 -4.52
C CYS A 154 5.75 10.80 -5.40
N GLN A 155 7.03 10.43 -5.47
CA GLN A 155 7.99 11.18 -6.29
C GLN A 155 7.75 10.88 -7.75
N VAL A 156 7.40 9.62 -8.05
CA VAL A 156 7.14 9.21 -9.40
C VAL A 156 5.91 9.89 -10.00
N ILE A 157 4.97 10.24 -9.11
CA ILE A 157 3.68 10.78 -9.48
C ILE A 157 3.84 12.21 -9.96
N GLN A 158 4.91 12.85 -9.53
CA GLN A 158 5.14 14.21 -9.96
C GLN A 158 5.96 14.28 -11.24
N MET A 159 6.14 13.15 -11.90
CA MET A 159 6.79 13.17 -13.20
C MET A 159 5.86 12.66 -14.28
N GLU A 160 6.20 12.94 -15.53
CA GLU A 160 5.48 12.48 -16.69
C GLU A 160 6.07 11.17 -17.09
N LEU A 161 5.36 10.07 -16.96
CA LEU A 161 5.90 8.78 -17.42
C LEU A 161 5.46 8.41 -18.84
N ASP A 162 6.33 7.77 -19.60
CA ASP A 162 5.91 7.26 -20.89
C ASP A 162 4.89 6.13 -20.62
N HIS A 163 4.31 5.50 -21.65
CA HIS A 163 3.29 4.47 -21.41
C HIS A 163 3.88 3.15 -21.08
N GLU A 164 5.12 2.94 -21.53
CA GLU A 164 5.72 1.63 -21.32
C GLU A 164 6.04 1.49 -19.83
N ARG A 165 6.49 2.59 -19.23
CA ARG A 165 6.81 2.66 -17.80
C ARG A 165 5.57 2.64 -16.92
N MET A 166 4.59 3.49 -17.25
CA MET A 166 3.37 3.59 -16.43
C MET A 166 2.68 2.26 -16.40
N SER A 167 2.47 1.68 -17.57
CA SER A 167 1.93 0.35 -17.66
C SER A 167 2.76 -0.74 -16.91
N TYR A 168 4.08 -0.63 -16.88
CA TYR A 168 4.95 -1.58 -16.18
C TYR A 168 4.79 -1.48 -14.64
N LEU A 169 4.80 -0.24 -14.12
CA LEU A 169 4.47 0.06 -12.72
C LEU A 169 3.15 -0.56 -12.39
N LEU A 170 2.13 -0.23 -13.16
CA LEU A 170 0.80 -0.78 -12.85
C LEU A 170 0.74 -2.30 -12.89
N TYR A 171 1.30 -2.91 -13.94
CA TYR A 171 1.42 -4.39 -14.06
C TYR A 171 2.00 -4.95 -12.73
N GLN A 172 3.05 -4.29 -12.22
CA GLN A 172 3.73 -4.78 -11.03
C GLN A 172 2.91 -4.61 -9.78
N MET A 173 2.18 -3.50 -9.66
CA MET A 173 1.23 -3.39 -8.56
C MET A 173 0.25 -4.53 -8.60
N LEU A 174 -0.28 -4.85 -9.77
CA LEU A 174 -1.27 -5.93 -9.86
C LEU A 174 -0.69 -7.31 -9.52
N CYS A 175 0.59 -7.53 -9.86
CA CYS A 175 1.22 -8.80 -9.54
C CYS A 175 1.32 -8.96 -8.04
N GLY A 176 1.83 -7.94 -7.36
CA GLY A 176 2.02 -7.96 -5.92
C GLY A 176 0.70 -8.18 -5.24
N ILE A 177 -0.32 -7.52 -5.75
CA ILE A 177 -1.67 -7.62 -5.13
C ILE A 177 -2.21 -9.01 -5.38
N LYS A 178 -2.05 -9.53 -6.60
CA LYS A 178 -2.53 -10.88 -6.87
C LYS A 178 -1.90 -11.87 -5.91
N HIS A 179 -0.60 -11.73 -5.68
CA HIS A 179 0.08 -12.61 -4.76
C HIS A 179 -0.52 -12.54 -3.37
N LEU A 180 -0.67 -11.33 -2.81
CA LEU A 180 -1.33 -11.20 -1.51
C LEU A 180 -2.68 -11.93 -1.53
N HIS A 181 -3.49 -11.67 -2.56
CA HIS A 181 -4.83 -12.24 -2.67
C HIS A 181 -4.88 -13.74 -2.67
N SER A 182 -3.81 -14.35 -3.23
CA SER A 182 -3.71 -15.80 -3.31
C SER A 182 -3.35 -16.44 -1.97
N ALA A 183 -2.87 -15.63 -1.03
CA ALA A 183 -2.72 -16.15 0.34
C ALA A 183 -3.85 -15.64 1.20
N GLY A 184 -4.84 -15.00 0.59
CA GLY A 184 -6.00 -14.53 1.33
C GLY A 184 -5.73 -13.25 2.11
N ILE A 185 -4.65 -12.54 1.75
CA ILE A 185 -4.39 -11.20 2.24
C ILE A 185 -4.99 -10.17 1.30
N ILE A 186 -6.00 -9.45 1.78
CA ILE A 186 -6.56 -8.33 1.06
C ILE A 186 -6.07 -7.08 1.78
N HIS A 187 -5.60 -6.13 1.00
CA HIS A 187 -4.69 -5.13 1.49
C HIS A 187 -5.47 -4.03 2.13
N ARG A 188 -6.33 -3.43 1.29
CA ARG A 188 -7.30 -2.37 1.64
C ARG A 188 -6.70 -0.98 1.84
N ASP A 189 -5.40 -0.83 1.73
CA ASP A 189 -4.83 0.46 1.97
C ASP A 189 -3.66 0.79 1.08
N LEU A 190 -3.66 0.33 -0.17
CA LEU A 190 -2.62 0.80 -1.08
C LEU A 190 -2.64 2.29 -1.23
N LYS A 191 -1.46 2.85 -1.26
CA LYS A 191 -1.31 4.27 -1.34
C LYS A 191 0.11 4.52 -1.83
N PRO A 192 0.29 5.60 -2.58
CA PRO A 192 1.59 5.74 -3.22
C PRO A 192 2.74 5.82 -2.21
N SER A 193 2.46 6.23 -0.97
CA SER A 193 3.58 6.30 -0.05
C SER A 193 4.09 4.94 0.41
N ASN A 194 3.26 3.88 0.34
CA ASN A 194 3.78 2.52 0.63
C ASN A 194 4.18 1.73 -0.61
N ILE A 195 4.46 2.44 -1.69
CA ILE A 195 4.99 1.78 -2.85
C ILE A 195 6.32 2.42 -3.23
N VAL A 196 7.27 1.59 -3.60
CA VAL A 196 8.59 2.10 -3.94
C VAL A 196 9.08 1.54 -5.25
N VAL A 197 9.94 2.32 -5.89
CA VAL A 197 10.49 1.99 -7.19
C VAL A 197 12.03 2.14 -7.25
N LYS A 198 12.64 1.37 -8.13
CA LYS A 198 14.00 1.52 -8.51
C LYS A 198 14.14 2.40 -9.78
N SER A 199 15.39 2.72 -10.12
CA SER A 199 15.70 3.52 -11.31
C SER A 199 15.30 2.82 -12.60
N ASP A 200 15.34 1.48 -12.60
CA ASP A 200 15.02 0.70 -13.76
C ASP A 200 13.55 0.30 -13.81
N CYS A 201 12.70 1.05 -13.08
CA CYS A 201 11.23 0.83 -13.06
C CYS A 201 10.65 -0.42 -12.31
N THR A 202 11.49 -1.23 -11.71
CA THR A 202 11.01 -2.27 -10.81
C THR A 202 10.37 -1.60 -9.55
N LEU A 203 9.33 -2.28 -9.03
CA LEU A 203 8.43 -1.71 -8.05
C LEU A 203 8.11 -2.76 -7.00
N LYS A 204 7.90 -2.29 -5.77
CA LYS A 204 7.59 -3.16 -4.63
C LYS A 204 6.67 -2.43 -3.66
N ILE A 205 5.73 -3.21 -3.15
CA ILE A 205 4.81 -2.78 -2.13
C ILE A 205 5.46 -2.99 -0.76
N LEU A 206 5.41 -1.94 0.08
CA LEU A 206 6.04 -1.88 1.44
C LEU A 206 5.30 -2.55 2.57
N ASP A 207 3.97 -2.65 2.48
CA ASP A 207 3.20 -3.06 3.64
C ASP A 207 2.06 -3.97 3.24
N PHE A 208 1.35 -4.51 4.23
CA PHE A 208 0.35 -5.51 3.97
C PHE A 208 -1.05 -5.02 4.30
N GLY A 209 -1.17 -3.70 4.40
CA GLY A 209 -2.47 -3.10 4.54
C GLY A 209 -3.10 -3.19 5.90
N LEU A 210 -4.41 -3.00 5.91
CA LEU A 210 -5.19 -3.01 7.12
C LEU A 210 -5.32 -4.41 7.75
N ALA A 211 -5.58 -4.44 9.06
CA ALA A 211 -5.88 -5.67 9.77
C ALA A 211 -7.40 -5.92 9.78
N ARG A 212 -7.83 -7.05 9.21
CA ARG A 212 -9.27 -7.36 8.93
C ARG A 212 -10.35 -6.69 9.81
N THR A 213 -10.09 -6.65 11.11
CA THR A 213 -11.12 -6.34 12.10
C THR A 213 -11.14 -4.89 12.61
N ALA A 214 -10.16 -4.51 13.43
CA ALA A 214 -10.04 -3.16 14.04
C ALA A 214 -11.26 -2.76 14.89
N SER A 217 -8.60 0.22 18.39
CA SER A 217 -8.66 0.97 17.14
C SER A 217 -8.07 2.39 17.21
N PHE A 218 -8.21 3.04 18.36
CA PHE A 218 -7.78 4.44 18.53
C PHE A 218 -6.29 4.54 18.81
N MET A 219 -5.71 5.66 18.40
CA MET A 219 -4.29 5.91 18.52
C MET A 219 -4.02 7.37 18.81
N MET A 220 -3.28 7.61 19.89
CA MET A 220 -2.87 8.95 20.32
C MET A 220 -1.75 9.41 19.42
N THR A 221 -2.04 10.23 18.42
CA THR A 221 -0.95 10.59 17.53
C THR A 221 -1.09 12.00 16.96
N PRO A 222 0.06 12.62 16.60
CA PRO A 222 0.10 13.82 15.76
C PRO A 222 -0.03 13.49 14.26
N TYR A 223 0.27 12.24 13.92
CA TYR A 223 0.21 11.71 12.55
C TYR A 223 -1.20 11.29 12.09
N VAL A 224 -1.73 11.98 11.08
CA VAL A 224 -3.03 11.61 10.48
C VAL A 224 -2.88 10.61 9.31
N VAL A 225 -3.73 9.59 9.31
CA VAL A 225 -3.64 8.53 8.33
C VAL A 225 -4.39 8.91 7.03
N THR A 226 -3.79 8.60 5.88
CA THR A 226 -4.33 8.96 4.55
C THR A 226 -5.49 8.08 4.07
N ARG A 227 -6.59 8.72 3.68
CA ARG A 227 -7.82 8.01 3.34
C ARG A 227 -8.09 7.99 1.83
N TYR A 228 -7.36 8.82 1.11
CA TYR A 228 -7.69 9.12 -0.30
C TYR A 228 -7.83 7.98 -1.31
N TYR A 229 -7.28 6.80 -1.02
CA TYR A 229 -7.22 5.64 -1.93
C TYR A 229 -8.14 4.50 -1.45
N ARG A 230 -8.94 4.82 -0.45
CA ARG A 230 -9.80 3.79 0.08
C ARG A 230 -11.14 3.67 -0.67
N ALA A 231 -11.47 2.41 -0.96
CA ALA A 231 -12.61 1.98 -1.74
C ALA A 231 -13.91 2.43 -1.11
N PRO A 232 -14.96 2.70 -1.93
CA PRO A 232 -16.32 3.00 -1.49
C PRO A 232 -16.84 2.01 -0.46
N GLU A 233 -16.58 0.72 -0.66
CA GLU A 233 -17.02 -0.29 0.29
C GLU A 233 -16.34 -0.17 1.67
N VAL A 234 -15.15 0.39 1.70
CA VAL A 234 -14.47 0.58 2.96
C VAL A 234 -14.95 1.89 3.60
N ILE A 235 -15.12 2.94 2.82
CA ILE A 235 -15.64 4.20 3.33
C ILE A 235 -17.05 3.98 3.93
N LEU A 236 -17.87 3.19 3.25
CA LEU A 236 -19.23 2.97 3.71
C LEU A 236 -19.37 1.68 4.56
N GLY A 237 -18.25 1.12 5.00
CA GLY A 237 -18.20 -0.12 5.79
C GLY A 237 -19.21 -1.15 5.32
N MET A 238 -19.01 -1.71 4.14
CA MET A 238 -20.07 -2.53 3.58
C MET A 238 -19.65 -3.94 3.21
N GLY A 239 -18.46 -4.36 3.62
CA GLY A 239 -18.01 -5.67 3.23
C GLY A 239 -17.39 -5.59 1.86
N TYR A 240 -16.26 -6.25 1.69
CA TYR A 240 -15.44 -6.02 0.52
C TYR A 240 -15.05 -7.35 -0.03
N LYS A 241 -14.47 -7.38 -1.21
CA LYS A 241 -13.73 -8.57 -1.66
C LYS A 241 -12.39 -8.15 -2.26
N GLU A 242 -11.75 -9.09 -2.98
CA GLU A 242 -10.44 -8.88 -3.60
C GLU A 242 -10.33 -7.56 -4.39
N ASN A 243 -11.30 -7.30 -5.27
CA ASN A 243 -11.27 -6.09 -6.08
C ASN A 243 -11.36 -4.74 -5.31
N VAL A 244 -11.47 -4.80 -3.98
CA VAL A 244 -11.31 -3.61 -3.16
C VAL A 244 -9.94 -2.87 -3.40
N ASP A 245 -8.89 -3.66 -3.71
CA ASP A 245 -7.55 -3.15 -4.07
C ASP A 245 -7.47 -2.54 -5.50
N ILE A 246 -8.39 -2.92 -6.37
CA ILE A 246 -8.45 -2.28 -7.69
C ILE A 246 -8.86 -0.81 -7.60
N TRP A 247 -9.72 -0.48 -6.64
CA TRP A 247 -10.08 0.91 -6.48
C TRP A 247 -8.87 1.70 -6.19
N SER A 248 -8.07 1.23 -5.24
CA SER A 248 -6.87 1.99 -4.82
C SER A 248 -5.91 2.18 -6.00
N VAL A 249 -5.71 1.12 -6.76
CA VAL A 249 -4.88 1.14 -7.97
C VAL A 249 -5.35 2.18 -8.98
N GLY A 250 -6.68 2.26 -9.19
CA GLY A 250 -7.26 3.16 -10.16
C GLY A 250 -7.06 4.57 -9.65
N CYS A 251 -7.09 4.76 -8.33
CA CYS A 251 -6.89 6.07 -7.76
C CYS A 251 -5.45 6.49 -7.96
N ILE A 252 -4.54 5.53 -7.86
CA ILE A 252 -3.12 5.81 -8.04
C ILE A 252 -2.85 6.05 -9.55
N MET A 253 -3.38 5.22 -10.40
CA MET A 253 -3.14 5.44 -11.80
C MET A 253 -3.69 6.82 -12.19
N GLY A 254 -4.84 7.18 -11.62
CA GLY A 254 -5.52 8.40 -11.97
C GLY A 254 -4.68 9.59 -11.51
N GLU A 255 -4.03 9.43 -10.35
CA GLU A 255 -3.14 10.44 -9.84
C GLU A 255 -1.90 10.54 -10.75
N MET A 256 -1.38 9.39 -11.19
CA MET A 256 -0.23 9.34 -12.12
C MET A 256 -0.39 10.21 -13.39
N VAL A 257 -1.64 10.30 -13.85
CA VAL A 257 -1.96 10.90 -15.12
C VAL A 257 -2.31 12.35 -14.93
N ARG A 258 -3.11 12.61 -13.90
CA ARG A 258 -3.62 13.94 -13.60
C ARG A 258 -2.64 14.78 -12.75
N HIS A 259 -1.72 14.12 -12.02
CA HIS A 259 -0.74 14.78 -11.08
C HIS A 259 -1.52 15.60 -10.10
N LYS A 260 -2.44 14.93 -9.43
CA LYS A 260 -3.34 15.56 -8.48
C LYS A 260 -4.12 14.43 -7.84
N ILE A 261 -4.13 14.41 -6.52
CA ILE A 261 -4.80 13.40 -5.79
C ILE A 261 -6.21 13.49 -6.29
N LEU A 262 -6.78 12.34 -6.64
CA LEU A 262 -8.10 12.31 -7.20
C LEU A 262 -9.18 12.73 -6.20
N PHE A 263 -9.15 12.18 -4.98
CA PHE A 263 -10.24 12.44 -4.03
C PHE A 263 -9.69 12.87 -2.67
N PRO A 264 -9.23 14.13 -2.59
CA PRO A 264 -8.46 14.59 -1.43
C PRO A 264 -9.33 15.09 -0.30
N GLY A 265 -10.08 14.20 0.35
CA GLY A 265 -10.99 14.60 1.44
C GLY A 265 -10.38 14.65 2.84
N ARG A 266 -10.82 15.61 3.65
CA ARG A 266 -10.37 15.77 5.06
C ARG A 266 -10.87 14.67 5.98
N ASP A 267 -11.98 14.05 5.61
CA ASP A 267 -12.67 13.05 6.42
C ASP A 267 -13.47 12.21 5.44
N TYR A 268 -14.02 11.11 5.88
CA TYR A 268 -14.79 10.24 4.98
C TYR A 268 -16.01 10.92 4.35
N ILE A 269 -16.59 11.91 5.01
CA ILE A 269 -17.77 12.63 4.45
C ILE A 269 -17.35 13.38 3.19
N ASP A 270 -16.31 14.20 3.34
CA ASP A 270 -15.76 15.02 2.29
C ASP A 270 -15.34 14.09 1.13
N GLN A 271 -14.60 13.06 1.47
CA GLN A 271 -14.14 12.10 0.48
C GLN A 271 -15.23 11.49 -0.37
N TRP A 272 -16.37 11.19 0.25
CA TRP A 272 -17.45 10.61 -0.51
C TRP A 272 -18.02 11.62 -1.48
N ASN A 273 -17.99 12.90 -1.10
CA ASN A 273 -18.49 13.98 -1.96
C ASN A 273 -17.60 14.17 -3.18
N LYS A 274 -16.29 14.11 -2.96
CA LYS A 274 -15.33 14.28 -4.02
C LYS A 274 -15.47 13.12 -5.00
N VAL A 275 -15.92 11.96 -4.49
CA VAL A 275 -16.09 10.79 -5.33
C VAL A 275 -17.32 10.90 -6.22
N ILE A 276 -18.47 11.28 -5.65
CA ILE A 276 -19.73 11.29 -6.42
C ILE A 276 -19.81 12.49 -7.37
N GLU A 277 -19.13 13.59 -7.01
CA GLU A 277 -18.99 14.74 -7.86
C GLU A 277 -18.47 14.33 -9.25
N GLN A 278 -17.47 13.45 -9.25
CA GLN A 278 -16.76 13.05 -10.46
C GLN A 278 -17.32 11.82 -11.15
N LEU A 279 -17.48 10.72 -10.42
CA LEU A 279 -17.99 9.49 -11.03
C LEU A 279 -19.53 9.47 -11.12
N GLY A 280 -20.18 10.38 -10.40
CA GLY A 280 -21.64 10.37 -10.31
C GLY A 280 -22.18 9.40 -9.28
N THR A 281 -23.39 9.73 -8.83
CA THR A 281 -24.14 8.97 -7.84
C THR A 281 -24.27 7.54 -8.30
N PRO A 282 -24.00 6.57 -7.42
CA PRO A 282 -24.18 5.18 -7.82
C PRO A 282 -25.65 4.83 -7.98
N CYS A 283 -25.92 4.06 -9.02
CA CYS A 283 -27.27 3.72 -9.36
C CYS A 283 -27.90 2.93 -8.21
N PRO A 284 -29.24 2.99 -8.08
CA PRO A 284 -30.05 2.31 -7.07
C PRO A 284 -29.58 0.92 -6.60
N GLU A 285 -29.25 0.05 -7.55
CA GLU A 285 -28.78 -1.31 -7.27
C GLU A 285 -27.64 -1.37 -6.23
N PHE A 286 -26.79 -0.34 -6.21
CA PHE A 286 -25.66 -0.31 -5.29
C PHE A 286 -26.10 0.14 -3.91
N MET A 287 -26.93 1.18 -3.85
CA MET A 287 -27.57 1.55 -2.57
C MET A 287 -28.35 0.42 -1.93
N LYS A 288 -29.09 -0.33 -2.74
CA LYS A 288 -29.84 -1.50 -2.25
C LYS A 288 -28.98 -2.42 -1.38
N LYS A 289 -27.65 -2.38 -1.57
CA LYS A 289 -26.73 -3.29 -0.87
C LYS A 289 -26.23 -2.74 0.46
N LEU A 290 -26.44 -1.44 0.66
CA LEU A 290 -26.02 -0.74 1.88
C LEU A 290 -27.00 -0.96 3.04
N GLN A 291 -26.49 -0.83 4.27
CA GLN A 291 -27.31 -0.81 5.48
C GLN A 291 -28.24 0.41 5.51
N PRO A 292 -29.46 0.23 6.01
CA PRO A 292 -30.45 1.31 5.88
C PRO A 292 -29.98 2.57 6.59
N THR A 293 -29.16 2.40 7.63
CA THR A 293 -28.62 3.54 8.38
C THR A 293 -27.68 4.46 7.54
N VAL A 294 -26.72 3.85 6.86
CA VAL A 294 -25.80 4.54 5.93
C VAL A 294 -26.44 4.76 4.55
N ARG A 295 -27.25 3.79 4.12
CA ARG A 295 -27.99 3.92 2.87
C ARG A 295 -28.80 5.19 2.88
N ASN A 296 -29.44 5.45 4.01
CA ASN A 296 -30.20 6.67 4.22
C ASN A 296 -29.37 7.88 3.89
N TYR A 297 -28.20 7.97 4.51
CA TYR A 297 -27.28 9.08 4.34
C TYR A 297 -26.83 9.25 2.88
N VAL A 298 -26.51 8.13 2.25
CA VAL A 298 -26.04 8.09 0.87
C VAL A 298 -27.11 8.53 -0.12
N GLU A 299 -28.33 7.99 0.01
CA GLU A 299 -29.45 8.31 -0.91
C GLU A 299 -29.93 9.74 -0.74
N ASN A 300 -29.27 10.47 0.17
CA ASN A 300 -29.70 11.80 0.59
C ASN A 300 -28.71 12.92 0.27
N ARG A 301 -27.60 12.55 -0.35
CA ARG A 301 -26.65 13.55 -0.86
C ARG A 301 -27.26 14.17 -2.12
N PRO A 302 -26.90 15.45 -2.40
CA PRO A 302 -27.10 15.97 -3.74
C PRO A 302 -26.69 14.90 -4.79
N LYS A 303 -27.49 14.79 -5.85
CA LYS A 303 -27.20 13.87 -6.94
C LYS A 303 -26.22 14.45 -7.93
N TYR A 304 -25.53 13.56 -8.63
CA TYR A 304 -24.69 13.94 -9.77
C TYR A 304 -24.88 12.96 -10.89
N ALA A 305 -24.99 13.48 -12.12
CA ALA A 305 -24.95 12.64 -13.29
C ALA A 305 -23.52 12.16 -13.29
N GLY A 306 -22.62 13.09 -12.96
CA GLY A 306 -21.19 12.84 -12.93
C GLY A 306 -20.62 12.73 -14.33
N LEU A 307 -19.29 12.75 -14.40
CA LEU A 307 -18.56 12.98 -15.61
C LEU A 307 -18.18 11.72 -16.35
N THR A 308 -17.76 11.96 -17.59
CA THR A 308 -17.43 10.93 -18.52
C THR A 308 -15.91 10.80 -18.40
N PHE A 309 -15.35 9.66 -18.82
CA PHE A 309 -13.88 9.49 -18.72
C PHE A 309 -13.01 10.42 -19.58
N PRO A 310 -13.43 10.71 -20.85
CA PRO A 310 -12.79 11.75 -21.63
C PRO A 310 -12.75 13.09 -20.89
N LYS A 311 -13.83 13.41 -20.17
CA LYS A 311 -13.90 14.65 -19.40
C LYS A 311 -13.02 14.54 -18.16
N LEU A 312 -13.11 13.42 -17.46
CA LEU A 312 -12.34 13.23 -16.22
C LEU A 312 -10.86 13.26 -16.51
N PHE A 313 -10.43 12.45 -17.48
CA PHE A 313 -9.05 12.41 -17.93
C PHE A 313 -8.92 12.78 -19.42
N PRO A 314 -8.93 14.10 -19.73
CA PRO A 314 -8.78 14.61 -21.12
C PRO A 314 -7.51 14.15 -21.85
N ASP A 315 -7.59 14.16 -23.18
CA ASP A 315 -6.52 13.72 -24.08
C ASP A 315 -5.17 14.40 -23.79
N SER A 316 -5.22 15.69 -23.42
CA SER A 316 -4.05 16.49 -23.10
C SER A 316 -3.13 15.91 -22.03
N LEU A 317 -3.69 15.05 -21.17
CA LEU A 317 -2.94 14.53 -20.02
C LEU A 317 -2.03 13.40 -20.44
N PHE A 318 -2.31 12.80 -21.58
CA PHE A 318 -1.53 11.65 -22.04
C PHE A 318 -0.52 11.98 -23.15
N PRO A 319 0.67 11.32 -23.12
CA PRO A 319 1.51 11.18 -24.32
C PRO A 319 0.65 10.71 -25.49
N ALA A 320 0.49 11.60 -26.47
CA ALA A 320 -0.44 11.35 -27.56
C ALA A 320 -0.04 12.17 -28.79
N ASP A 321 1.14 11.86 -29.31
CA ASP A 321 1.70 12.54 -30.50
C ASP A 321 1.92 11.56 -31.66
N SER A 322 2.50 10.40 -31.35
CA SER A 322 2.56 9.30 -32.29
C SER A 322 1.29 8.45 -32.21
N GLU A 323 1.17 7.52 -33.13
CA GLU A 323 0.02 6.66 -33.17
C GLU A 323 0.09 5.68 -32.00
N HIS A 324 1.30 5.19 -31.71
CA HIS A 324 1.50 4.36 -30.55
C HIS A 324 0.92 5.02 -29.34
N ASN A 325 1.29 6.26 -29.14
CA ASN A 325 0.85 6.89 -27.95
C ASN A 325 -0.65 7.19 -27.91
N LYS A 326 -1.28 7.41 -29.07
CA LYS A 326 -2.68 7.71 -29.09
C LYS A 326 -3.43 6.43 -28.75
N LEU A 327 -3.01 5.32 -29.34
CA LEU A 327 -3.62 4.05 -29.04
C LEU A 327 -3.46 3.65 -27.54
N LYS A 328 -2.25 3.77 -26.99
CA LYS A 328 -2.02 3.60 -25.56
C LYS A 328 -2.92 4.51 -24.70
N ALA A 329 -3.01 5.80 -25.02
CA ALA A 329 -3.81 6.73 -24.21
C ALA A 329 -5.25 6.21 -24.09
N SER A 330 -5.83 5.94 -25.25
CA SER A 330 -7.13 5.30 -25.35
C SER A 330 -7.25 4.05 -24.45
N GLN A 331 -6.23 3.22 -24.44
CA GLN A 331 -6.25 1.99 -23.64
C GLN A 331 -6.11 2.30 -22.17
N ALA A 332 -5.46 3.41 -21.85
CA ALA A 332 -5.16 3.76 -20.50
C ALA A 332 -6.43 4.22 -19.84
N ARG A 333 -7.17 5.04 -20.59
CA ARG A 333 -8.42 5.66 -20.15
C ARG A 333 -9.46 4.57 -20.06
N ASP A 334 -9.43 3.64 -20.99
CA ASP A 334 -10.36 2.49 -20.89
C ASP A 334 -10.17 1.74 -19.56
N LEU A 335 -8.92 1.49 -19.19
CA LEU A 335 -8.64 0.76 -17.96
C LEU A 335 -9.05 1.57 -16.72
N LEU A 336 -8.73 2.86 -16.67
CA LEU A 336 -9.18 3.70 -15.58
C LEU A 336 -10.69 3.62 -15.36
N SER A 337 -11.48 3.70 -16.45
CA SER A 337 -12.93 3.62 -16.41
C SER A 337 -13.45 2.30 -15.88
N LYS A 338 -12.58 1.29 -15.76
CA LYS A 338 -13.04 0.01 -15.22
C LYS A 338 -12.56 -0.22 -13.78
N MET A 339 -11.64 0.63 -13.35
CA MET A 339 -11.04 0.44 -12.04
C MET A 339 -11.72 1.43 -11.09
N LEU A 340 -11.99 2.62 -11.61
CA LEU A 340 -12.70 3.62 -10.85
C LEU A 340 -14.20 3.42 -11.08
N VAL A 341 -14.69 2.31 -10.56
CA VAL A 341 -16.11 2.09 -10.54
C VAL A 341 -16.55 1.88 -9.10
N ILE A 342 -17.48 2.74 -8.65
CA ILE A 342 -17.95 2.71 -7.26
C ILE A 342 -18.47 1.33 -6.82
N ASP A 343 -19.33 0.74 -7.63
CA ASP A 343 -20.00 -0.49 -7.25
C ASP A 343 -19.07 -1.63 -7.57
N PRO A 344 -18.51 -2.30 -6.52
CA PRO A 344 -17.52 -3.34 -6.74
C PRO A 344 -18.05 -4.56 -7.49
N ALA A 345 -19.38 -4.67 -7.61
CA ALA A 345 -20.00 -5.76 -8.41
C ALA A 345 -19.72 -5.49 -9.89
N LYS A 346 -19.62 -4.19 -10.24
CA LYS A 346 -19.35 -3.79 -11.62
C LYS A 346 -17.86 -3.46 -11.88
N ARG A 347 -17.06 -3.41 -10.83
CA ARG A 347 -15.65 -3.06 -10.95
C ARG A 347 -14.80 -4.23 -11.45
N ILE A 348 -13.78 -3.94 -12.27
CA ILE A 348 -12.91 -4.95 -12.86
C ILE A 348 -12.12 -5.72 -11.78
N SER A 349 -11.67 -6.92 -12.07
CA SER A 349 -10.96 -7.70 -11.07
C SER A 349 -9.47 -7.61 -11.36
N VAL A 350 -8.64 -8.13 -10.47
CA VAL A 350 -7.21 -8.11 -10.67
C VAL A 350 -6.87 -8.96 -11.90
N ASP A 351 -7.53 -10.11 -12.04
CA ASP A 351 -7.27 -11.04 -13.16
C ASP A 351 -7.58 -10.43 -14.52
N ASP A 352 -8.78 -9.84 -14.63
CA ASP A 352 -9.19 -9.14 -15.87
C ASP A 352 -8.26 -7.97 -16.15
N ALA A 353 -7.87 -7.21 -15.13
CA ALA A 353 -7.03 -6.01 -15.38
C ALA A 353 -5.63 -6.42 -15.83
N LEU A 354 -5.19 -7.62 -15.45
CA LEU A 354 -3.93 -8.12 -16.00
C LEU A 354 -4.10 -8.59 -17.42
N GLN A 355 -5.30 -9.02 -17.82
CA GLN A 355 -5.61 -9.42 -19.19
C GLN A 355 -5.90 -8.21 -20.07
N HIS A 356 -5.86 -7.03 -19.48
CA HIS A 356 -6.22 -5.85 -20.21
C HIS A 356 -5.11 -5.49 -21.16
N PRO A 357 -5.48 -5.03 -22.39
CA PRO A 357 -4.56 -4.59 -23.43
C PRO A 357 -3.45 -3.69 -22.93
N TYR A 358 -3.77 -2.67 -22.14
CA TYR A 358 -2.76 -1.73 -21.66
C TYR A 358 -1.68 -2.43 -20.83
N ILE A 359 -2.07 -3.54 -20.17
CA ILE A 359 -1.26 -4.17 -19.16
C ILE A 359 -0.70 -5.49 -19.69
N ASN A 360 -1.52 -6.18 -20.46
CA ASN A 360 -1.28 -7.53 -20.96
C ASN A 360 0.11 -7.78 -21.57
N VAL A 361 0.70 -6.73 -22.09
CA VAL A 361 1.99 -6.79 -22.76
C VAL A 361 3.08 -7.42 -21.91
N TRP A 362 3.05 -7.14 -20.60
CA TRP A 362 4.07 -7.56 -19.64
C TRP A 362 3.82 -8.92 -19.02
N TYR A 363 2.60 -9.44 -19.18
CA TYR A 363 2.20 -10.68 -18.55
C TYR A 363 3.24 -11.79 -18.55
N ASP A 364 3.68 -12.17 -17.36
CA ASP A 364 4.53 -13.35 -17.16
C ASP A 364 3.92 -14.38 -16.15
N PRO A 365 3.74 -15.65 -16.55
CA PRO A 365 3.04 -16.50 -15.56
C PRO A 365 3.89 -16.78 -14.31
N ALA A 366 5.20 -16.65 -14.42
CA ALA A 366 6.07 -16.74 -13.24
C ALA A 366 5.76 -15.62 -12.23
N GLU A 367 5.46 -14.40 -12.72
CA GLU A 367 5.22 -13.26 -11.85
C GLU A 367 3.78 -13.25 -11.34
N VAL A 368 2.89 -13.88 -12.09
CA VAL A 368 1.46 -13.69 -11.90
C VAL A 368 0.84 -14.90 -11.26
N GLU A 369 1.45 -16.06 -11.46
CA GLU A 369 0.90 -17.29 -10.92
C GLU A 369 1.89 -17.98 -10.01
N ALA A 370 2.72 -17.17 -9.34
CA ALA A 370 3.70 -17.63 -8.32
C ALA A 370 3.05 -18.44 -7.17
N PRO A 371 3.75 -19.47 -6.66
CA PRO A 371 3.15 -20.26 -5.59
C PRO A 371 2.74 -19.36 -4.42
N PRO A 372 1.50 -19.54 -3.92
CA PRO A 372 1.00 -18.71 -2.84
C PRO A 372 1.86 -18.85 -1.59
N PRO A 373 1.93 -17.76 -0.81
CA PRO A 373 2.60 -17.81 0.51
C PRO A 373 1.79 -18.70 1.45
N GLN A 374 2.49 -19.44 2.32
CA GLN A 374 1.85 -20.35 3.28
C GLN A 374 2.00 -19.73 4.68
N ILE A 375 0.89 -19.30 5.27
CA ILE A 375 0.95 -18.55 6.52
C ILE A 375 0.84 -19.50 7.71
N LYS A 378 -1.02 -16.83 13.99
CA LYS A 378 -0.64 -17.10 12.62
C LYS A 378 -1.87 -17.47 11.79
N GLN A 379 -2.66 -18.40 12.29
CA GLN A 379 -3.96 -18.68 11.70
C GLN A 379 -4.98 -17.70 12.27
N LEU A 380 -4.89 -17.44 13.58
CA LEU A 380 -5.79 -16.53 14.27
C LEU A 380 -5.45 -15.07 13.94
N ASP A 381 -4.79 -14.84 12.80
CA ASP A 381 -4.14 -13.57 12.49
C ASP A 381 -5.08 -12.36 12.43
N GLU A 382 -6.17 -12.38 13.22
CA GLU A 382 -6.97 -11.19 13.57
C GLU A 382 -7.47 -11.21 15.02
N ARG A 383 -6.49 -11.24 15.92
CA ARG A 383 -6.59 -11.62 17.32
C ARG A 383 -6.49 -10.39 18.19
N GLU A 384 -6.91 -10.54 19.45
CA GLU A 384 -6.92 -9.47 20.44
C GLU A 384 -6.05 -9.84 21.62
N HIS A 385 -5.25 -8.87 22.09
CA HIS A 385 -4.26 -9.13 23.12
C HIS A 385 -3.95 -7.92 23.92
N THR A 386 -3.53 -8.15 25.15
CA THR A 386 -3.06 -7.06 25.99
C THR A 386 -1.68 -6.73 25.50
N ILE A 387 -1.20 -5.59 25.97
CA ILE A 387 0.07 -5.09 25.56
C ILE A 387 1.22 -5.98 26.06
N GLU A 388 1.16 -6.37 27.32
CA GLU A 388 2.05 -7.38 27.80
C GLU A 388 2.04 -8.63 26.89
N GLU A 389 0.88 -9.11 26.44
CA GLU A 389 0.83 -10.28 25.54
C GLU A 389 1.43 -10.02 24.15
N TRP A 390 1.21 -8.80 23.62
CA TRP A 390 1.77 -8.41 22.32
C TRP A 390 3.27 -8.39 22.32
N LYS A 391 3.85 -7.88 23.42
CA LYS A 391 5.29 -7.83 23.63
C LYS A 391 5.81 -9.23 23.53
N GLU A 392 5.18 -10.15 24.24
CA GLU A 392 5.58 -11.55 24.15
C GLU A 392 5.59 -12.00 22.68
N LEU A 393 4.46 -11.79 22.01
CA LEU A 393 4.23 -12.32 20.65
C LEU A 393 5.28 -11.85 19.66
N ILE A 394 5.52 -10.55 19.67
CA ILE A 394 6.50 -9.89 18.84
C ILE A 394 7.95 -10.30 19.16
N TYR A 395 8.36 -10.14 20.42
CA TYR A 395 9.63 -10.71 20.90
C TYR A 395 9.86 -12.16 20.41
N LYS A 396 8.91 -13.08 20.63
CA LYS A 396 9.10 -14.44 20.19
C LYS A 396 9.35 -14.52 18.68
N GLU A 397 8.65 -13.67 17.93
CA GLU A 397 8.86 -13.58 16.50
C GLU A 397 10.21 -12.94 16.11
N VAL A 398 10.65 -11.94 16.85
CA VAL A 398 11.94 -11.34 16.56
C VAL A 398 13.05 -12.37 16.81
N MET A 399 12.90 -13.18 17.86
CA MET A 399 13.87 -14.21 18.23
C MET A 399 13.69 -15.54 17.47
N ASN A 400 12.51 -15.78 16.91
CA ASN A 400 12.14 -17.10 16.35
C ASN A 400 12.13 -18.20 17.42
#